data_7A8Y
#
_entry.id   7A8Y
#
_cell.length_a   71.300
_cell.length_b   71.300
_cell.length_c   216.650
_cell.angle_alpha   90.000
_cell.angle_beta   90.000
_cell.angle_gamma   120.000
#
_symmetry.space_group_name_H-M   'P 61 2 2'
#
loop_
_entity.id
_entity.type
_entity.pdbx_description
1 polymer 'Aspartate 1-decarboxylase'
2 polymer 'Aspartate 1-decarboxylase'
3 non-polymer D-SERINE
4 non-polymer 1,2-ETHANEDIOL
5 non-polymer SERINE
6 water water
#
loop_
_entity_poly.entity_id
_entity_poly.type
_entity_poly.pdbx_seq_one_letter_code
_entity_poly.pdbx_strand_id
1 'polypeptide(L)' AGSMIRTMLQGKLHRVKVTHADLHYEG AAA,DDD
2 'polypeptide(L)'
;SCAIDQDFLDAAGILENEAIDIWNVTNGKRFSTYAIAAERGSRIISVNGAAAHCASVGDIVIIASFVTMPDEEARTWRPN
VAYFEGDNEMKRTA
;
BBB,EaE
#
loop_
_chem_comp.id
_chem_comp.type
_chem_comp.name
_chem_comp.formula
EDO non-polymer 1,2-ETHANEDIOL 'C2 H6 O2'
PYR non-polymer 'PYRUVIC ACID' 'C3 H4 O3'
#
# COMPACT_ATOMS: atom_id res chain seq x y z
N ALA A 1 5.01 26.51 -1.52
CA ALA A 1 3.81 27.23 -0.96
C ALA A 1 2.54 26.64 -1.55
N GLY A 2 1.73 25.96 -0.72
CA GLY A 2 0.47 25.31 -1.15
C GLY A 2 0.71 24.13 -2.06
N SER A 3 1.89 23.52 -1.98
CA SER A 3 2.27 22.33 -2.76
C SER A 3 1.27 21.20 -2.50
N MET A 4 0.88 20.49 -3.55
CA MET A 4 0.03 19.28 -3.44
CA MET A 4 0.04 19.26 -3.47
C MET A 4 0.91 18.13 -2.90
N ILE A 5 0.46 17.48 -1.83
CA ILE A 5 1.28 16.50 -1.07
C ILE A 5 0.76 15.07 -1.31
N ARG A 6 1.65 14.19 -1.74
CA ARG A 6 1.37 12.77 -2.04
C ARG A 6 1.69 11.90 -0.83
N THR A 7 0.97 10.79 -0.70
CA THR A 7 1.25 9.70 0.26
C THR A 7 1.90 8.55 -0.50
N MET A 8 3.16 8.23 -0.18
CA MET A 8 4.02 7.32 -0.98
C MET A 8 4.52 6.18 -0.09
N LEU A 9 4.63 4.99 -0.66
CA LEU A 9 5.29 3.85 0.04
C LEU A 9 6.72 4.26 0.37
N GLN A 10 7.06 4.37 1.66
CA GLN A 10 8.43 4.69 2.12
C GLN A 10 9.30 3.43 2.00
N GLY A 11 8.77 2.31 2.46
CA GLY A 11 9.53 1.05 2.47
C GLY A 11 8.68 -0.10 2.96
N LYS A 12 9.15 -1.32 2.76
CA LYS A 12 8.36 -2.47 3.20
C LYS A 12 9.28 -3.66 3.47
N LEU A 13 8.81 -4.50 4.39
CA LEU A 13 9.35 -5.84 4.66
C LEU A 13 8.44 -6.83 3.91
N HIS A 14 8.95 -7.41 2.83
CA HIS A 14 8.14 -8.27 1.93
C HIS A 14 8.20 -9.73 2.36
N ARG A 15 7.08 -10.27 2.84
CA ARG A 15 6.85 -11.70 3.15
C ARG A 15 7.77 -12.13 4.31
N VAL A 16 7.81 -11.31 5.35
CA VAL A 16 8.45 -11.69 6.63
CA VAL A 16 8.44 -11.66 6.65
C VAL A 16 7.48 -12.61 7.37
N LYS A 17 8.00 -13.51 8.21
CA LYS A 17 7.16 -14.47 8.98
C LYS A 17 6.99 -13.99 10.43
N VAL A 18 5.76 -14.03 10.94
CA VAL A 18 5.47 -13.69 12.36
C VAL A 18 6.12 -14.75 13.24
N THR A 19 6.91 -14.33 14.24
CA THR A 19 7.70 -15.23 15.14
C THR A 19 7.07 -15.31 16.53
N HIS A 20 6.24 -14.34 16.91
CA HIS A 20 5.67 -14.22 18.27
C HIS A 20 4.34 -13.48 18.21
N ALA A 21 3.36 -13.89 19.02
CA ALA A 21 2.09 -13.16 19.23
C ALA A 21 1.78 -13.11 20.73
N ASP A 22 1.56 -11.90 21.27
CA ASP A 22 1.43 -11.64 22.74
C ASP A 22 0.21 -10.72 22.96
N LEU A 23 -0.96 -11.33 23.17
CA LEU A 23 -2.25 -10.63 23.45
C LEU A 23 -2.10 -9.69 24.67
N HIS A 24 -1.39 -10.15 25.71
N HIS A 24 -1.43 -10.15 25.73
CA HIS A 24 -1.33 -9.53 27.05
CA HIS A 24 -1.37 -9.46 27.05
C HIS A 24 -0.05 -8.69 27.21
C HIS A 24 -0.05 -8.69 27.21
N TYR A 25 0.52 -8.20 26.10
CA TYR A 25 1.73 -7.32 26.10
C TYR A 25 1.47 -6.07 26.95
N GLU A 26 2.44 -5.65 27.76
CA GLU A 26 2.35 -4.43 28.61
C GLU A 26 3.53 -3.50 28.28
N SER B 1 0.68 -3.29 18.60
CA SER B 1 2.07 -2.88 18.27
C SER B 1 2.85 -4.08 17.73
C PYR B 1 2.35 -3.84 17.24
O PYR B 1 2.18 -5.07 17.31
CA PYR B 1 2.27 -3.13 18.34
O3 PYR B 1 2.81 -2.02 18.45
CB PYR B 1 1.50 -3.65 19.51
N CYS B 2 3.90 -3.83 16.94
CA CYS B 2 4.68 -4.87 16.24
C CYS B 2 6.17 -4.62 16.46
N ALA B 3 6.82 -5.52 17.20
CA ALA B 3 8.28 -5.49 17.49
C ALA B 3 9.02 -6.16 16.33
N ILE B 4 10.01 -5.46 15.78
CA ILE B 4 10.71 -5.82 14.51
C ILE B 4 12.22 -5.68 14.76
N ASP B 5 12.99 -6.72 14.46
CA ASP B 5 14.47 -6.69 14.42
C ASP B 5 14.94 -5.33 13.88
N GLN B 6 15.77 -4.61 14.63
CA GLN B 6 16.29 -3.27 14.23
C GLN B 6 16.99 -3.34 12.85
N ASP B 7 17.64 -4.46 12.51
CA ASP B 7 18.28 -4.65 11.17
C ASP B 7 17.22 -4.56 10.06
N PHE B 8 16.03 -5.12 10.29
CA PHE B 8 14.91 -5.12 9.31
C PHE B 8 14.39 -3.68 9.18
N LEU B 9 14.18 -3.01 10.31
CA LEU B 9 13.74 -1.59 10.33
C LEU B 9 14.73 -0.76 9.51
N ASP B 10 16.04 -0.93 9.74
CA ASP B 10 17.11 -0.22 9.00
C ASP B 10 16.94 -0.43 7.49
N ALA B 11 16.74 -1.67 7.05
CA ALA B 11 16.72 -2.04 5.61
C ALA B 11 15.49 -1.40 4.94
N ALA B 12 14.35 -1.33 5.63
CA ALA B 12 13.09 -0.79 5.09
C ALA B 12 12.97 0.71 5.37
N GLY B 13 13.90 1.31 6.12
CA GLY B 13 13.88 2.74 6.48
C GLY B 13 12.75 3.07 7.44
N ILE B 14 12.25 2.08 8.18
CA ILE B 14 11.14 2.25 9.15
C ILE B 14 11.71 2.68 10.50
N LEU B 15 11.12 3.69 11.15
CA LEU B 15 11.60 4.22 12.44
C LEU B 15 10.82 3.58 13.58
N GLU B 16 11.45 3.43 14.74
CA GLU B 16 10.70 3.06 15.98
CA GLU B 16 10.71 3.08 15.99
C GLU B 16 9.61 4.11 16.20
N ASN B 17 8.40 3.65 16.54
CA ASN B 17 7.21 4.47 16.84
C ASN B 17 6.56 5.00 15.56
N GLU B 18 7.04 4.59 14.38
CA GLU B 18 6.40 4.99 13.09
C GLU B 18 5.14 4.15 12.88
N ALA B 19 4.08 4.77 12.35
CA ALA B 19 2.86 4.08 11.88
C ALA B 19 3.26 3.06 10.80
N ILE B 20 2.72 1.85 10.89
CA ILE B 20 2.93 0.79 9.86
C ILE B 20 1.60 0.14 9.51
N ASP B 21 1.48 -0.30 8.27
CA ASP B 21 0.38 -1.17 7.80
C ASP B 21 0.91 -2.59 7.76
N ILE B 22 0.13 -3.54 8.25
CA ILE B 22 0.46 -4.98 8.15
C ILE B 22 -0.62 -5.67 7.30
N TRP B 23 -0.18 -6.29 6.22
CA TRP B 23 -1.04 -7.03 5.27
C TRP B 23 -0.70 -8.52 5.39
N ASN B 24 -1.65 -9.30 5.90
CA ASN B 24 -1.44 -10.74 6.22
C ASN B 24 -1.75 -11.53 4.95
N VAL B 25 -0.71 -12.05 4.30
CA VAL B 25 -0.81 -12.85 3.04
C VAL B 25 -1.52 -14.17 3.38
N THR B 26 -1.28 -14.71 4.57
CA THR B 26 -1.83 -16.03 4.99
C THR B 26 -3.35 -15.94 5.14
N ASN B 27 -3.88 -14.98 5.90
CA ASN B 27 -5.33 -14.94 6.26
C ASN B 27 -6.06 -13.72 5.65
N GLY B 28 -5.35 -12.85 4.93
CA GLY B 28 -5.96 -11.70 4.22
C GLY B 28 -6.31 -10.52 5.13
N LYS B 29 -6.05 -10.60 6.45
CA LYS B 29 -6.38 -9.48 7.37
C LYS B 29 -5.43 -8.32 7.10
N ARG B 30 -5.94 -7.10 7.25
CA ARG B 30 -5.19 -5.84 7.00
C ARG B 30 -5.40 -4.94 8.22
N PHE B 31 -4.33 -4.44 8.82
CA PHE B 31 -4.46 -3.57 10.02
C PHE B 31 -3.30 -2.59 10.06
N SER B 32 -3.50 -1.53 10.84
CA SER B 32 -2.54 -0.41 11.03
C SER B 32 -2.14 -0.37 12.50
N THR B 33 -0.85 -0.27 12.78
CA THR B 33 -0.30 -0.23 14.15
C THR B 33 0.94 0.67 14.10
N TYR B 34 1.89 0.46 15.01
CA TYR B 34 3.18 1.20 14.99
C TYR B 34 4.31 0.22 15.27
N ALA B 35 5.51 0.61 14.85
CA ALA B 35 6.73 -0.22 14.92
C ALA B 35 7.41 -0.03 16.28
N ILE B 36 7.82 -1.15 16.89
CA ILE B 36 8.71 -1.20 18.08
C ILE B 36 9.99 -1.89 17.63
N ALA B 37 11.16 -1.40 18.06
CA ALA B 37 12.47 -2.01 17.76
C ALA B 37 12.65 -3.26 18.63
N ALA B 38 12.97 -4.39 18.00
CA ALA B 38 13.46 -5.61 18.69
C ALA B 38 14.98 -5.66 18.55
N GLU B 39 15.63 -6.43 19.41
CA GLU B 39 17.11 -6.57 19.47
C GLU B 39 17.65 -6.83 18.06
N ARG B 40 18.73 -6.14 17.68
CA ARG B 40 19.43 -6.34 16.40
C ARG B 40 19.89 -7.80 16.30
N GLY B 41 19.53 -8.50 15.21
CA GLY B 41 19.93 -9.89 14.94
C GLY B 41 18.96 -10.93 15.50
N SER B 42 17.92 -10.49 16.22
CA SER B 42 16.89 -11.38 16.84
C SER B 42 16.00 -12.00 15.77
N ARG B 43 15.88 -11.35 14.61
CA ARG B 43 14.94 -11.69 13.50
C ARG B 43 13.51 -11.79 14.02
N ILE B 44 13.17 -11.03 15.06
CA ILE B 44 11.82 -11.04 15.69
C ILE B 44 10.82 -10.27 14.80
N ILE B 45 9.64 -10.84 14.61
CA ILE B 45 8.39 -10.15 14.18
C ILE B 45 7.32 -10.55 15.21
N SER B 46 7.09 -9.68 16.19
CA SER B 46 6.17 -9.95 17.33
C SER B 46 4.93 -9.06 17.19
N VAL B 47 3.76 -9.67 17.05
CA VAL B 47 2.45 -8.94 17.00
CA VAL B 47 2.47 -8.94 17.00
C VAL B 47 1.89 -8.91 18.43
N ASN B 48 1.81 -7.72 19.02
CA ASN B 48 1.51 -7.50 20.45
C ASN B 48 0.14 -6.86 20.60
N GLY B 49 -0.49 -7.03 21.77
CA GLY B 49 -1.79 -6.41 22.11
C GLY B 49 -2.89 -6.89 21.18
N ALA B 50 -3.82 -6.00 20.82
CA ALA B 50 -5.01 -6.33 20.01
C ALA B 50 -4.60 -6.96 18.66
N ALA B 51 -3.42 -6.59 18.14
CA ALA B 51 -2.92 -7.06 16.82
C ALA B 51 -2.76 -8.59 16.81
N ALA B 52 -2.58 -9.21 17.98
CA ALA B 52 -2.47 -10.69 18.12
C ALA B 52 -3.76 -11.39 17.64
N HIS B 53 -4.88 -10.67 17.55
CA HIS B 53 -6.15 -11.17 16.95
C HIS B 53 -6.05 -11.27 15.41
N CYS B 54 -5.07 -10.60 14.79
CA CYS B 54 -5.01 -10.43 13.30
C CYS B 54 -3.87 -11.24 12.68
N ALA B 55 -2.96 -11.78 13.48
CA ALA B 55 -1.82 -12.57 12.97
C ALA B 55 -1.41 -13.61 13.99
N SER B 56 -0.88 -14.74 13.49
CA SER B 56 -0.44 -15.89 14.29
C SER B 56 1.01 -16.21 13.90
N VAL B 57 1.74 -16.86 14.81
CA VAL B 57 3.11 -17.39 14.53
C VAL B 57 3.04 -18.24 13.26
N GLY B 58 3.91 -17.97 12.30
CA GLY B 58 3.98 -18.69 11.01
C GLY B 58 3.31 -17.94 9.87
N ASP B 59 2.43 -16.98 10.17
CA ASP B 59 1.75 -16.17 9.12
C ASP B 59 2.81 -15.38 8.35
N ILE B 60 2.64 -15.31 7.03
CA ILE B 60 3.46 -14.49 6.10
C ILE B 60 2.79 -13.12 6.00
N VAL B 61 3.53 -12.05 6.28
CA VAL B 61 2.96 -10.68 6.28
C VAL B 61 3.85 -9.75 5.45
N ILE B 62 3.24 -8.68 4.95
N ILE B 62 3.26 -8.65 4.99
CA ILE B 62 3.93 -7.48 4.40
CA ILE B 62 3.99 -7.49 4.41
C ILE B 62 3.79 -6.38 5.45
C ILE B 62 3.78 -6.32 5.36
N ILE B 63 4.89 -5.70 5.78
CA ILE B 63 4.89 -4.55 6.74
C ILE B 63 5.34 -3.34 5.93
N ALA B 64 4.49 -2.32 5.83
CA ALA B 64 4.73 -1.14 4.98
C ALA B 64 4.65 0.13 5.83
N SER B 65 5.50 1.11 5.54
CA SER B 65 5.35 2.48 6.07
C SER B 65 5.17 3.43 4.88
N PHE B 66 4.40 4.49 5.10
CA PHE B 66 4.07 5.52 4.09
C PHE B 66 4.54 6.88 4.61
N VAL B 67 5.08 7.69 3.71
CA VAL B 67 5.54 9.07 4.03
C VAL B 67 4.84 10.02 3.06
N THR B 68 4.78 11.30 3.41
CA THR B 68 4.21 12.33 2.54
C THR B 68 5.35 13.21 2.00
N MET B 69 5.17 13.67 0.77
CA MET B 69 6.16 14.53 0.08
C MET B 69 5.46 15.22 -1.08
N PRO B 70 6.01 16.36 -1.55
CA PRO B 70 5.46 17.04 -2.71
C PRO B 70 5.52 16.16 -3.96
N ASP B 71 4.66 16.49 -4.92
CA ASP B 71 4.46 15.69 -6.16
C ASP B 71 5.78 15.47 -6.91
N GLU B 72 6.63 16.50 -7.03
CA GLU B 72 7.86 16.37 -7.87
C GLU B 72 8.78 15.32 -7.25
N GLU B 73 8.96 15.36 -5.93
N GLU B 73 8.98 15.35 -5.93
CA GLU B 73 9.79 14.37 -5.18
CA GLU B 73 9.80 14.35 -5.22
C GLU B 73 9.15 12.98 -5.29
C GLU B 73 9.14 12.96 -5.33
N ALA B 74 7.81 12.90 -5.21
CA ALA B 74 7.04 11.65 -5.32
C ALA B 74 7.29 10.97 -6.67
N ARG B 75 7.45 11.75 -7.74
CA ARG B 75 7.53 11.20 -9.11
C ARG B 75 8.87 10.50 -9.35
N THR B 76 9.91 10.74 -8.55
CA THR B 76 11.23 10.04 -8.70
C THR B 76 11.57 9.26 -7.41
N TRP B 77 10.60 9.10 -6.50
CA TRP B 77 10.81 8.43 -5.19
C TRP B 77 11.06 6.94 -5.38
N ARG B 78 12.05 6.38 -4.67
CA ARG B 78 12.40 4.94 -4.70
C ARG B 78 12.17 4.36 -3.30
N PRO B 79 11.12 3.53 -3.07
N PRO B 79 11.17 3.47 -3.11
CA PRO B 79 10.90 2.91 -1.77
CA PRO B 79 10.92 2.88 -1.80
C PRO B 79 12.01 1.93 -1.36
C PRO B 79 12.09 1.99 -1.35
N ASN B 80 12.22 1.80 -0.04
CA ASN B 80 13.24 0.92 0.58
C ASN B 80 12.60 -0.46 0.79
N VAL B 81 12.94 -1.46 -0.03
CA VAL B 81 12.29 -2.80 0.01
C VAL B 81 13.30 -3.84 0.47
N ALA B 82 12.92 -4.64 1.45
CA ALA B 82 13.67 -5.81 1.94
C ALA B 82 12.81 -7.06 1.67
N TYR B 83 13.42 -8.08 1.08
CA TYR B 83 12.75 -9.35 0.69
C TYR B 83 13.21 -10.44 1.65
N PHE B 84 12.31 -11.33 2.01
CA PHE B 84 12.56 -12.36 3.05
C PHE B 84 12.23 -13.75 2.51
N GLU B 85 12.98 -14.72 3.04
CA GLU B 85 12.74 -16.17 2.81
C GLU B 85 13.19 -16.93 4.05
N GLY B 86 12.79 -18.19 4.16
CA GLY B 86 13.30 -19.11 5.18
C GLY B 86 13.15 -18.53 6.57
N ASP B 87 14.23 -18.54 7.36
CA ASP B 87 14.23 -18.13 8.78
C ASP B 87 14.34 -16.60 8.88
N ASN B 88 13.42 -15.88 8.24
CA ASN B 88 13.44 -14.39 8.15
C ASN B 88 14.85 -13.97 7.73
N GLU B 89 15.36 -14.63 6.69
CA GLU B 89 16.65 -14.31 6.01
C GLU B 89 16.38 -13.16 5.03
N MET B 90 17.05 -12.03 5.19
CA MET B 90 16.80 -10.80 4.40
C MET B 90 17.66 -10.81 3.13
N LYS B 91 17.09 -10.38 2.00
CA LYS B 91 17.85 -10.10 0.75
C LYS B 91 17.43 -8.74 0.17
N ARG B 92 18.29 -8.17 -0.68
CA ARG B 92 18.11 -6.86 -1.33
C ARG B 92 17.21 -6.98 -2.56
N THR B 93 17.15 -8.16 -3.18
CA THR B 93 16.43 -8.41 -4.47
C THR B 93 15.56 -9.68 -4.35
N ALA B 94 14.56 -9.80 -5.23
CA ALA B 94 13.66 -10.98 -5.34
C ALA B 94 14.21 -11.95 -6.39
N SER C 3 -3.36 27.68 7.87
CA SER C 3 -2.59 26.46 8.30
C SER C 3 -3.46 25.18 8.28
N MET C 4 -4.73 25.27 7.83
CA MET C 4 -5.67 24.11 7.77
C MET C 4 -5.45 23.34 6.47
N ILE C 5 -5.03 22.08 6.58
CA ILE C 5 -4.69 21.22 5.42
C ILE C 5 -5.83 20.23 5.20
N ARG C 6 -6.36 20.18 3.98
CA ARG C 6 -7.48 19.29 3.57
C ARG C 6 -6.94 18.04 2.88
N THR C 7 -7.64 16.91 3.06
CA THR C 7 -7.41 15.67 2.28
C THR C 7 -8.44 15.61 1.16
N MET C 8 -7.98 15.61 -0.10
CA MET C 8 -8.84 15.77 -1.30
C MET C 8 -8.62 14.60 -2.25
N LEU C 9 -9.67 14.17 -2.94
CA LEU C 9 -9.55 13.16 -4.01
C LEU C 9 -8.60 13.72 -5.08
N GLN C 10 -7.51 13.01 -5.34
CA GLN C 10 -6.53 13.38 -6.39
C GLN C 10 -7.07 12.88 -7.73
N GLY C 11 -7.53 11.63 -7.76
CA GLY C 11 -7.96 10.98 -9.00
C GLY C 11 -8.56 9.64 -8.75
N LYS C 12 -9.29 9.12 -9.73
CA LYS C 12 -9.90 7.78 -9.56
C LYS C 12 -10.07 7.11 -10.93
N LEU C 13 -9.97 5.79 -10.91
CA LEU C 13 -10.35 4.88 -12.01
C LEU C 13 -11.72 4.32 -11.65
N HIS C 14 -12.76 4.71 -12.40
CA HIS C 14 -14.18 4.40 -12.09
C HIS C 14 -14.61 3.12 -12.81
N ARG C 15 -14.84 2.05 -12.05
CA ARG C 15 -15.43 0.77 -12.51
C ARG C 15 -14.49 0.09 -13.52
N VAL C 16 -13.22 -0.08 -13.13
CA VAL C 16 -12.28 -1.00 -13.82
C VAL C 16 -12.57 -2.42 -13.33
N LYS C 17 -12.23 -3.42 -14.14
CA LYS C 17 -12.41 -4.85 -13.79
C LYS C 17 -11.05 -5.45 -13.43
N VAL C 18 -11.00 -6.22 -12.35
CA VAL C 18 -9.79 -6.98 -11.94
C VAL C 18 -9.53 -8.04 -13.03
N THR C 19 -8.33 -8.06 -13.60
CA THR C 19 -7.95 -8.95 -14.73
C THR C 19 -7.13 -10.14 -14.21
N HIS C 20 -6.47 -9.99 -13.06
CA HIS C 20 -5.53 -10.99 -12.50
C HIS C 20 -5.48 -10.88 -10.96
N ALA C 21 -5.32 -12.02 -10.28
CA ALA C 21 -5.11 -12.12 -8.81
C ALA C 21 -3.91 -13.02 -8.54
N ASP C 22 -2.84 -12.46 -7.93
CA ASP C 22 -1.54 -13.16 -7.70
C ASP C 22 -1.18 -13.09 -6.21
N LEU C 23 -1.60 -14.11 -5.44
CA LEU C 23 -1.35 -14.22 -3.98
C LEU C 23 0.16 -14.33 -3.69
N HIS C 24 0.92 -14.98 -4.57
CA HIS C 24 2.35 -15.35 -4.33
C HIS C 24 3.29 -14.35 -5.02
N TYR C 25 2.79 -13.16 -5.39
CA TYR C 25 3.59 -12.06 -5.99
C TYR C 25 4.86 -11.82 -5.16
N GLU C 26 6.00 -11.64 -5.83
CA GLU C 26 7.29 -11.26 -5.20
C GLU C 26 7.79 -9.97 -5.85
N GLY C 27 7.44 -8.82 -5.26
CA GLY C 27 7.85 -7.49 -5.74
C GLY C 27 7.55 -6.40 -4.73
N SER D 1 0.23 -5.60 -3.70
CA SER D 1 0.04 -4.29 -4.38
C SER D 1 -1.15 -4.37 -5.34
C PYR D 1 -0.80 -4.73 -5.55
O PYR D 1 -1.59 -5.66 -5.69
CA PYR D 1 -0.33 -4.46 -4.37
O3 PYR D 1 -0.85 -4.96 -3.36
CB PYR D 1 0.87 -3.58 -4.16
N CYS D 2 -1.29 -3.39 -6.23
CA CYS D 2 -2.20 -3.44 -7.41
C CYS D 2 -1.44 -2.91 -8.64
N ALA D 3 -1.22 -3.76 -9.65
CA ALA D 3 -0.54 -3.39 -10.91
C ALA D 3 -1.59 -2.85 -11.89
N ILE D 4 -1.34 -1.68 -12.46
CA ILE D 4 -2.32 -0.90 -13.25
C ILE D 4 -1.65 -0.43 -14.54
N ASP D 5 -2.27 -0.71 -15.69
CA ASP D 5 -1.89 -0.18 -17.03
C ASP D 5 -1.46 1.29 -16.87
N GLN D 6 -0.21 1.61 -17.25
CA GLN D 6 0.38 2.97 -17.12
C GLN D 6 -0.52 4.03 -17.78
N ASP D 7 -1.25 3.66 -18.85
CA ASP D 7 -2.21 4.58 -19.51
C ASP D 7 -3.28 5.02 -18.50
N PHE D 8 -3.73 4.10 -17.64
CA PHE D 8 -4.79 4.37 -16.63
C PHE D 8 -4.20 5.27 -15.53
N LEU D 9 -3.00 4.93 -15.05
CA LEU D 9 -2.26 5.76 -14.05
C LEU D 9 -2.12 7.19 -14.60
N ASP D 10 -1.71 7.34 -15.87
CA ASP D 10 -1.52 8.66 -16.52
C ASP D 10 -2.85 9.45 -16.47
N ALA D 11 -3.97 8.82 -16.80
CA ALA D 11 -5.30 9.49 -16.91
C ALA D 11 -5.76 9.96 -15.52
N ALA D 12 -5.49 9.18 -14.47
CA ALA D 12 -6.00 9.44 -13.10
C ALA D 12 -4.96 10.21 -12.28
N GLY D 13 -3.75 10.43 -12.80
CA GLY D 13 -2.67 11.14 -12.09
C GLY D 13 -2.11 10.33 -10.93
N ILE D 14 -2.34 9.03 -10.93
CA ILE D 14 -1.84 8.12 -9.85
C ILE D 14 -0.40 7.74 -10.18
N LEU D 15 0.49 7.80 -9.18
CA LEU D 15 1.94 7.54 -9.36
C LEU D 15 2.26 6.10 -8.94
N GLU D 16 3.27 5.52 -9.59
CA GLU D 16 3.92 4.30 -9.08
C GLU D 16 4.33 4.55 -7.61
N ASN D 17 3.99 3.62 -6.73
CA ASN D 17 4.36 3.62 -5.29
C ASN D 17 3.46 4.55 -4.47
N GLU D 18 2.41 5.12 -5.08
CA GLU D 18 1.44 5.98 -4.36
C GLU D 18 0.44 5.11 -3.62
N ALA D 19 0.06 5.53 -2.41
CA ALA D 19 -1.05 4.93 -1.64
C ALA D 19 -2.33 5.03 -2.46
N ILE D 20 -3.08 3.94 -2.56
CA ILE D 20 -4.40 3.92 -3.25
C ILE D 20 -5.42 3.20 -2.37
N ASP D 21 -6.66 3.62 -2.50
CA ASP D 21 -7.83 2.94 -1.89
C ASP D 21 -8.51 2.15 -3.00
N ILE D 22 -8.90 0.93 -2.71
CA ILE D 22 -9.66 0.08 -3.67
C ILE D 22 -11.01 -0.24 -3.03
N TRP D 23 -12.08 0.16 -3.70
CA TRP D 23 -13.48 -0.05 -3.26
C TRP D 23 -14.14 -1.02 -4.23
N ASN D 24 -14.46 -2.21 -3.76
CA ASN D 24 -14.93 -3.34 -4.60
C ASN D 24 -16.45 -3.23 -4.70
N VAL D 25 -16.95 -2.87 -5.89
CA VAL D 25 -18.40 -2.67 -6.17
C VAL D 25 -19.09 -4.05 -6.12
N THR D 26 -18.39 -5.11 -6.54
CA THR D 26 -18.96 -6.48 -6.63
C THR D 26 -19.22 -7.03 -5.22
N ASN D 27 -18.25 -6.98 -4.31
CA ASN D 27 -18.32 -7.70 -3.00
C ASN D 27 -18.34 -6.73 -1.82
N GLY D 28 -18.20 -5.42 -2.06
CA GLY D 28 -18.34 -4.38 -1.03
C GLY D 28 -17.08 -4.19 -0.17
N LYS D 29 -16.05 -5.02 -0.38
CA LYS D 29 -14.78 -4.93 0.39
C LYS D 29 -14.06 -3.62 0.06
N ARG D 30 -13.39 -3.04 1.06
CA ARG D 30 -12.67 -1.75 0.94
C ARG D 30 -11.30 -1.94 1.58
N PHE D 31 -10.24 -1.62 0.86
CA PHE D 31 -8.86 -1.80 1.39
C PHE D 31 -7.93 -0.75 0.78
N SER D 32 -6.76 -0.61 1.40
CA SER D 32 -5.72 0.37 1.01
CA SER D 32 -5.72 0.36 0.98
C SER D 32 -4.41 -0.38 0.72
N THR D 33 -3.77 -0.04 -0.39
CA THR D 33 -2.50 -0.65 -0.85
C THR D 33 -1.68 0.44 -1.53
N TYR D 34 -0.81 0.09 -2.47
CA TYR D 34 -0.06 1.07 -3.28
C TYR D 34 -0.09 0.60 -4.74
N ALA D 35 0.09 1.55 -5.65
CA ALA D 35 0.01 1.33 -7.11
C ALA D 35 1.37 0.89 -7.64
N ILE D 36 1.32 -0.07 -8.58
N ILE D 36 1.41 -0.09 -8.55
CA ILE D 36 2.45 -0.57 -9.42
CA ILE D 36 2.60 -0.32 -9.41
C ILE D 36 2.07 -0.29 -10.88
C ILE D 36 2.14 -0.35 -10.86
N ALA D 37 3.04 0.01 -11.75
CA ALA D 37 2.79 0.18 -13.20
C ALA D 37 2.75 -1.19 -13.86
N ALA D 38 1.71 -1.45 -14.65
CA ALA D 38 1.63 -2.56 -15.62
C ALA D 38 1.91 -2.01 -17.01
N GLU D 39 2.21 -2.89 -17.97
CA GLU D 39 2.62 -2.54 -19.35
C GLU D 39 1.56 -1.60 -19.97
N ARG D 40 2.02 -0.53 -20.60
CA ARG D 40 1.16 0.45 -21.32
C ARG D 40 0.36 -0.30 -22.39
N GLY D 41 -0.98 -0.15 -22.39
CA GLY D 41 -1.89 -0.73 -23.39
C GLY D 41 -2.40 -2.12 -23.02
N SER D 42 -1.88 -2.72 -21.93
CA SER D 42 -2.22 -4.08 -21.46
C SER D 42 -3.65 -4.12 -20.88
N ARG D 43 -4.15 -2.99 -20.40
CA ARG D 43 -5.47 -2.85 -19.73
C ARG D 43 -5.54 -3.78 -18.51
N ILE D 44 -4.39 -4.03 -17.87
CA ILE D 44 -4.27 -4.92 -16.69
C ILE D 44 -4.69 -4.16 -15.42
N ILE D 45 -5.48 -4.82 -14.57
CA ILE D 45 -5.70 -4.49 -13.13
C ILE D 45 -5.41 -5.78 -12.35
N SER D 46 -4.24 -5.89 -11.75
CA SER D 46 -3.76 -7.12 -11.06
C SER D 46 -3.68 -6.87 -9.55
N VAL D 47 -4.44 -7.63 -8.76
CA VAL D 47 -4.38 -7.57 -7.27
C VAL D 47 -3.35 -8.62 -6.80
N ASN D 48 -2.27 -8.14 -6.18
CA ASN D 48 -1.06 -8.95 -5.88
C ASN D 48 -0.97 -9.15 -4.36
N GLY D 49 -0.46 -10.32 -3.95
CA GLY D 49 -0.17 -10.73 -2.56
C GLY D 49 -1.45 -10.65 -1.70
N ALA D 50 -1.39 -10.08 -0.49
CA ALA D 50 -2.49 -10.13 0.50
C ALA D 50 -3.80 -9.61 -0.11
N ALA D 51 -3.72 -8.63 -1.01
CA ALA D 51 -4.87 -7.97 -1.67
C ALA D 51 -5.68 -8.97 -2.49
N ALA D 52 -5.07 -10.08 -2.90
CA ALA D 52 -5.74 -11.18 -3.66
C ALA D 52 -6.90 -11.77 -2.83
N HIS D 53 -6.88 -11.62 -1.50
CA HIS D 53 -7.97 -12.05 -0.59
C HIS D 53 -9.20 -11.12 -0.68
N CYS D 54 -9.07 -9.93 -1.28
CA CYS D 54 -10.11 -8.87 -1.24
C CYS D 54 -10.78 -8.65 -2.60
N ALA D 55 -10.24 -9.23 -3.67
CA ALA D 55 -10.80 -9.09 -5.03
C ALA D 55 -10.51 -10.36 -5.84
N SER D 56 -11.45 -10.71 -6.72
CA SER D 56 -11.37 -11.86 -7.66
C SER D 56 -11.36 -11.32 -9.09
N VAL D 57 -10.81 -12.07 -10.04
CA VAL D 57 -10.87 -11.72 -11.48
C VAL D 57 -12.34 -11.48 -11.84
N GLY D 58 -12.64 -10.36 -12.52
CA GLY D 58 -13.99 -10.00 -12.96
C GLY D 58 -14.69 -9.03 -12.03
N ASP D 59 -14.21 -8.87 -10.80
CA ASP D 59 -14.79 -7.91 -9.82
C ASP D 59 -14.65 -6.50 -10.41
N ILE D 60 -15.68 -5.68 -10.23
CA ILE D 60 -15.69 -4.23 -10.62
C ILE D 60 -15.23 -3.43 -9.41
N VAL D 61 -14.20 -2.59 -9.58
CA VAL D 61 -13.60 -1.82 -8.46
C VAL D 61 -13.47 -0.35 -8.86
N ILE D 62 -13.38 0.50 -7.86
CA ILE D 62 -12.99 1.92 -8.00
C ILE D 62 -11.66 2.08 -7.29
N ILE D 63 -10.67 2.65 -7.98
CA ILE D 63 -9.30 2.86 -7.43
C ILE D 63 -9.11 4.36 -7.29
N ALA D 64 -8.81 4.84 -6.09
CA ALA D 64 -8.74 6.28 -5.75
C ALA D 64 -7.39 6.58 -5.10
N SER D 65 -6.86 7.77 -5.33
CA SER D 65 -5.73 8.32 -4.55
C SER D 65 -6.15 9.68 -4.00
N PHE D 66 -5.54 10.08 -2.89
CA PHE D 66 -5.84 11.33 -2.15
C PHE D 66 -4.55 12.10 -1.94
N VAL D 67 -4.66 13.43 -1.97
CA VAL D 67 -3.52 14.35 -1.73
C VAL D 67 -3.97 15.37 -0.68
N THR D 68 -3.00 16.02 -0.04
CA THR D 68 -3.30 17.11 0.92
C THR D 68 -2.84 18.43 0.33
N MET D 69 -3.51 19.49 0.74
CA MET D 69 -3.18 20.87 0.31
C MET D 69 -3.94 21.82 1.23
N PRO D 70 -3.49 23.08 1.35
CA PRO D 70 -4.19 24.07 2.15
C PRO D 70 -5.62 24.31 1.67
N ASP D 71 -6.48 24.67 2.62
CA ASP D 71 -7.93 24.93 2.40
C ASP D 71 -8.12 25.84 1.18
N GLU D 72 -7.33 26.92 1.05
CA GLU D 72 -7.51 27.94 -0.02
C GLU D 72 -7.45 27.26 -1.40
N GLU D 73 -6.50 26.34 -1.59
N GLU D 73 -6.49 26.34 -1.59
CA GLU D 73 -6.35 25.60 -2.87
CA GLU D 73 -6.30 25.58 -2.85
C GLU D 73 -7.42 24.52 -3.00
C GLU D 73 -7.38 24.51 -2.99
N ALA D 74 -7.75 23.85 -1.88
CA ALA D 74 -8.72 22.73 -1.87
C ALA D 74 -10.08 23.19 -2.40
N ARG D 75 -10.45 24.45 -2.18
CA ARG D 75 -11.78 25.00 -2.57
C ARG D 75 -11.99 24.94 -4.09
N THR D 76 -10.92 24.94 -4.89
CA THR D 76 -11.06 24.96 -6.38
C THR D 76 -10.41 23.71 -6.99
N TRP D 77 -9.93 22.78 -6.16
CA TRP D 77 -9.23 21.56 -6.62
C TRP D 77 -10.16 20.75 -7.55
N ARG D 78 -9.57 20.09 -8.55
N ARG D 78 -9.63 20.22 -8.65
CA ARG D 78 -10.27 19.32 -9.62
CA ARG D 78 -10.37 19.30 -9.55
C ARG D 78 -9.63 17.93 -9.74
C ARG D 78 -9.61 17.97 -9.59
N PRO D 79 -10.30 16.86 -9.23
CA PRO D 79 -9.73 15.51 -9.35
CA PRO D 79 -9.70 15.53 -9.36
C PRO D 79 -9.62 15.02 -10.81
N ASN D 80 -8.71 14.07 -11.03
CA ASN D 80 -8.47 13.41 -12.35
C ASN D 80 -9.27 12.12 -12.40
N VAL D 81 -10.37 12.09 -13.14
CA VAL D 81 -11.29 10.92 -13.17
C VAL D 81 -11.25 10.29 -14.57
N ALA D 82 -11.01 8.97 -14.63
CA ALA D 82 -11.12 8.14 -15.83
C ALA D 82 -12.31 7.18 -15.66
N TYR D 83 -13.18 7.11 -16.68
CA TYR D 83 -14.39 6.26 -16.72
C TYR D 83 -14.13 5.06 -17.63
N PHE D 84 -14.64 3.89 -17.24
CA PHE D 84 -14.42 2.60 -17.94
C PHE D 84 -15.74 1.84 -18.07
N GLU D 85 -15.83 1.01 -19.11
CA GLU D 85 -16.89 -0.02 -19.28
C GLU D 85 -16.27 -1.19 -20.07
N GLY D 86 -17.02 -2.29 -20.18
CA GLY D 86 -16.56 -3.50 -20.90
C GLY D 86 -15.27 -4.03 -20.32
N ASP D 87 -14.31 -4.39 -21.18
CA ASP D 87 -13.00 -4.97 -20.77
C ASP D 87 -11.99 -3.83 -20.59
N ASN D 88 -12.19 -3.01 -19.54
CA ASN D 88 -11.29 -1.88 -19.16
C ASN D 88 -11.05 -1.00 -20.39
N GLU D 89 -12.12 -0.67 -21.11
CA GLU D 89 -12.10 0.31 -22.22
C GLU D 89 -12.36 1.71 -21.64
N MET D 90 -11.36 2.58 -21.68
CA MET D 90 -11.45 3.96 -21.14
C MET D 90 -12.31 4.82 -22.07
N LYS D 91 -13.36 5.46 -21.53
CA LYS D 91 -14.30 6.29 -22.32
C LYS D 91 -13.61 7.59 -22.74
N ARG D 92 -13.98 8.11 -23.92
CA ARG D 92 -13.38 9.31 -24.56
C ARG D 92 -13.50 10.52 -23.62
N THR D 93 -12.36 10.90 -23.04
CA THR D 93 -12.13 12.07 -22.16
C THR D 93 -10.62 12.16 -21.87
N ALA D 94 -9.80 11.58 -22.77
CA ALA D 94 -8.35 11.36 -22.62
C ALA D 94 -7.80 10.74 -23.91
N DSN E . -1.13 -2.42 20.82
CA DSN E . 0.03 -1.70 21.39
C DSN E . 0.70 -2.55 22.47
O DSN E . 0.20 -3.62 22.81
OXT DSN E . 1.75 -2.19 23.00
CB DSN E . 1.02 -1.33 20.32
N DSN F . -2.79 -2.98 20.89
CA DSN F . -1.67 -2.99 19.93
C DSN F . -2.24 -3.21 18.52
O DSN F . -3.31 -3.77 18.43
OXT DSN F . -1.69 -2.86 17.49
CB DSN F . -0.85 -1.73 20.03
OG DSN F . -0.29 -1.59 21.32
C1 EDO G . 1.24 8.86 -13.64
O1 EDO G . 1.89 7.66 -13.21
C2 EDO G . 2.01 9.57 -14.73
O2 EDO G . 1.95 10.99 -14.55
N SER H . 0.78 -5.96 -1.67
CA SER H . -0.19 -6.83 -0.95
C SER H . -1.40 -6.01 -0.49
O SER H . -1.56 -4.83 -0.74
CB SER H . 0.47 -7.48 0.22
OG SER H . 1.31 -8.51 -0.23
OXT SER H . -2.26 -6.58 0.14
N DSN I . 4.06 -5.67 -0.97
CA DSN I . 2.83 -5.88 -1.75
C DSN I . 3.15 -6.67 -3.04
O DSN I . 2.39 -7.52 -3.46
OXT DSN I . 4.19 -6.47 -3.66
CB DSN I . 1.79 -6.60 -0.93
#